data_4LKJ
#
_entry.id   4LKJ
#
_cell.length_a   116.909
_cell.length_b   116.909
_cell.length_c   297.076
_cell.angle_alpha   90.00
_cell.angle_beta   90.00
_cell.angle_gamma   120.00
#
_symmetry.space_group_name_H-M   'H 3 2'
#
loop_
_entity.id
_entity.type
_entity.pdbx_description
1 polymer hemagglutinin
2 polymer hemagglutinin
3 branched 'N-acetyl-alpha-neuraminic acid-(2-3)-beta-D-galactopyranose-(1-4)-2-acetamido-2-deoxy-beta-D-glucopyranose'
4 non-polymer 2-acetamido-2-deoxy-beta-D-glucopyranose
5 water water
#
loop_
_entity_poly.entity_id
_entity_poly.type
_entity_poly.pdbx_seq_one_letter_code
_entity_poly.pdbx_strand_id
1 'polypeptide(L)'
;ICLGHHAVSNGTKVNTLTERGVEVVNATETVERTNIPRICSKGKRTVDLGQCGLLGTITGPPQCDQFLEFSADLIIERRE
GSDVCYPGKFVNEEALRQILRESGGIDKEAMGFTYSGIRTNGATSACRRSGSSFYAEMKWLLSNTDNAAFPQMTKSYKNT
RKSPALIVWGIHHSVSTAEQTKLYGSGNKLVTVGSSNYQQSFVPSPGARPQVNGQSGRIDFHWLMLNPNDTVTFSFNGAF
IAPDRASFLRGKSMGIQSGVQVDANCEGDCYHSGGTIISNLPFQNIDSRAVGKCPRYVKQRSLLLATGMKNVPE
;
A
2 'polypeptide(L)'
;LFGAIAGFIENGWEGLIDGWYGFRHQNAQGEGTAADYKSTQSAIDQITGKLNRLIEKTNQQFELIDNEFNEVEKQIGNVI
NWTRDSITEVWSYNAELLVAMENQHTIDLADSEMDKLYERVKRQLRENAEEDGTGCFEIFHKCDDDCMASIRNNTYDHSK
YREEAMQN
;
B
#
loop_
_chem_comp.id
_chem_comp.type
_chem_comp.name
_chem_comp.formula
GAL D-saccharide, beta linking beta-D-galactopyranose 'C6 H12 O6'
NAG D-saccharide, beta linking 2-acetamido-2-deoxy-beta-D-glucopyranose 'C8 H15 N O6'
SIA D-saccharide, alpha linking 'N-acetyl-alpha-neuraminic acid' 'C11 H19 N O9'
#
# COMPACT_ATOMS: atom_id res chain seq x y z
N ILE A 1 38.94 9.47 -39.61
CA ILE A 1 37.56 9.30 -39.15
C ILE A 1 37.45 9.55 -37.65
N CYS A 2 36.29 10.04 -37.21
CA CYS A 2 36.06 10.31 -35.80
C CYS A 2 34.73 9.72 -35.33
N LEU A 3 34.72 9.22 -34.09
CA LEU A 3 33.51 8.69 -33.49
C LEU A 3 33.19 9.44 -32.19
N GLY A 4 31.92 9.38 -31.79
CA GLY A 4 31.48 10.08 -30.59
C GLY A 4 30.15 9.60 -30.07
N HIS A 5 29.49 10.45 -29.29
CA HIS A 5 28.23 10.10 -28.66
C HIS A 5 27.26 11.27 -28.72
N HIS A 6 25.97 10.99 -28.50
CA HIS A 6 24.96 12.04 -28.54
C HIS A 6 24.98 12.90 -27.28
N ALA A 7 24.29 14.04 -27.36
CA ALA A 7 24.19 14.95 -26.22
C ALA A 7 22.95 15.80 -26.40
N VAL A 8 22.54 16.49 -25.34
CA VAL A 8 21.37 17.34 -25.39
C VAL A 8 21.65 18.72 -24.82
N SER A 9 20.82 19.69 -25.18
CA SER A 9 20.92 21.05 -24.66
C SER A 9 20.76 21.04 -23.14
N ASN A 10 19.56 20.71 -22.69
CA ASN A 10 19.27 20.61 -21.26
C ASN A 10 19.10 19.16 -20.81
N GLY A 11 19.97 18.72 -19.92
CA GLY A 11 19.92 17.36 -19.39
C GLY A 11 19.29 17.28 -18.01
N THR A 12 19.42 16.13 -17.37
CA THR A 12 18.81 15.91 -16.06
C THR A 12 19.85 15.61 -14.97
N LYS A 13 19.85 16.42 -13.91
CA LYS A 13 20.75 16.21 -12.79
C LYS A 13 20.36 14.98 -11.96
N VAL A 14 21.28 14.03 -11.82
CA VAL A 14 21.06 12.88 -10.94
C VAL A 14 22.19 12.79 -9.90
N ASN A 15 22.03 11.87 -8.95
CA ASN A 15 23.02 11.65 -7.91
C ASN A 15 23.64 10.25 -8.03
N THR A 16 24.93 10.15 -7.75
CA THR A 16 25.63 8.86 -7.85
C THR A 16 26.33 8.50 -6.54
N LEU A 17 27.09 7.41 -6.58
CA LEU A 17 27.85 6.95 -5.43
C LEU A 17 28.92 7.98 -5.05
N THR A 18 29.41 8.69 -6.06
CA THR A 18 30.56 9.57 -5.88
C THR A 18 30.23 11.03 -6.17
N GLU A 19 29.14 11.27 -6.90
CA GLU A 19 28.80 12.62 -7.32
C GLU A 19 27.43 13.05 -6.77
N ARG A 20 27.08 14.30 -7.01
CA ARG A 20 25.77 14.82 -6.62
C ARG A 20 25.42 16.01 -7.52
N GLY A 21 24.46 15.80 -8.41
CA GLY A 21 24.06 16.84 -9.35
C GLY A 21 24.74 16.69 -10.70
N VAL A 22 25.08 15.46 -11.06
CA VAL A 22 25.67 15.19 -12.36
C VAL A 22 24.57 15.07 -13.42
N GLU A 23 24.69 15.84 -14.51
CA GLU A 23 23.67 15.84 -15.55
C GLU A 23 23.81 14.64 -16.48
N VAL A 24 22.72 13.93 -16.70
CA VAL A 24 22.68 12.85 -17.66
C VAL A 24 21.75 13.23 -18.82
N VAL A 25 21.78 12.44 -19.88
CA VAL A 25 20.94 12.71 -21.05
C VAL A 25 19.46 12.60 -20.70
N ASN A 26 19.07 11.47 -20.12
CA ASN A 26 17.69 11.25 -19.71
C ASN A 26 17.63 10.50 -18.38
N ALA A 27 16.58 10.74 -17.62
CA ALA A 27 16.36 10.05 -16.34
C ALA A 27 14.89 9.83 -16.09
N THR A 28 14.57 8.88 -15.21
CA THR A 28 13.18 8.59 -14.86
C THR A 28 12.95 8.64 -13.35
N GLU A 29 11.73 8.95 -12.94
CA GLU A 29 11.40 9.03 -11.52
C GLU A 29 11.19 7.65 -10.90
N THR A 30 11.54 7.52 -9.62
CA THR A 30 11.45 6.25 -8.92
C THR A 30 10.45 6.35 -7.75
N VAL A 31 10.25 7.58 -7.26
CA VAL A 31 9.35 7.82 -6.14
C VAL A 31 8.01 8.38 -6.61
N GLU A 32 6.91 7.74 -6.21
CA GLU A 32 5.60 8.16 -6.66
C GLU A 32 5.06 9.32 -5.82
N ARG A 33 4.54 10.34 -6.51
CA ARG A 33 3.96 11.49 -5.83
C ARG A 33 2.55 11.79 -6.32
N THR A 34 2.19 11.24 -7.47
CA THR A 34 0.87 11.48 -8.04
C THR A 34 -0.20 10.57 -7.41
N ASN A 35 -1.12 11.19 -6.70
CA ASN A 35 -2.23 10.47 -6.05
C ASN A 35 -3.52 10.72 -6.82
N ILE A 36 -4.40 9.72 -6.85
CA ILE A 36 -5.76 9.94 -7.34
C ILE A 36 -6.70 10.00 -6.13
N PRO A 37 -7.43 11.12 -5.99
CA PRO A 37 -8.24 11.41 -4.80
C PRO A 37 -9.58 10.69 -4.76
N ARG A 38 -9.62 9.42 -5.15
CA ARG A 38 -10.82 8.61 -5.06
C ARG A 38 -10.47 7.17 -4.73
N ILE A 39 -11.42 6.44 -4.17
CA ILE A 39 -11.24 5.03 -3.90
C ILE A 39 -11.49 4.23 -5.17
N CYS A 40 -10.42 3.92 -5.90
CA CYS A 40 -10.51 3.12 -7.11
C CYS A 40 -10.92 1.69 -6.78
N SER A 41 -12.16 1.35 -7.12
CA SER A 41 -12.77 0.11 -6.64
C SER A 41 -13.33 -0.73 -7.77
N LYS A 42 -12.87 -0.49 -9.00
CA LYS A 42 -13.33 -1.25 -10.15
C LYS A 42 -13.09 -2.75 -9.96
N GLY A 43 -14.12 -3.55 -10.25
CA GLY A 43 -13.97 -4.99 -10.22
C GLY A 43 -14.07 -5.62 -8.85
N LYS A 44 -14.18 -4.79 -7.81
CA LYS A 44 -14.26 -5.31 -6.44
C LYS A 44 -15.64 -5.10 -5.84
N ARG A 45 -16.10 -6.07 -5.04
CA ARG A 45 -17.34 -5.89 -4.29
C ARG A 45 -17.05 -4.94 -3.13
N THR A 46 -17.58 -3.73 -3.21
CA THR A 46 -17.27 -2.68 -2.26
C THR A 46 -18.45 -2.39 -1.34
N VAL A 47 -18.16 -2.08 -0.07
CA VAL A 47 -19.19 -1.69 0.88
C VAL A 47 -18.79 -0.42 1.63
N ASP A 48 -19.46 0.68 1.32
CA ASP A 48 -19.23 1.95 2.00
C ASP A 48 -20.15 2.00 3.21
N LEU A 49 -19.56 1.88 4.39
CA LEU A 49 -20.34 1.84 5.63
C LEU A 49 -21.05 3.15 5.93
N GLY A 50 -20.50 4.24 5.42
CA GLY A 50 -21.07 5.56 5.64
C GLY A 50 -21.23 5.87 7.11
N GLN A 51 -22.47 5.94 7.57
CA GLN A 51 -22.76 6.32 8.94
C GLN A 51 -22.68 5.13 9.88
N CYS A 52 -22.79 3.92 9.32
CA CYS A 52 -22.67 2.71 10.11
C CYS A 52 -21.22 2.48 10.53
N GLY A 53 -21.00 2.14 11.79
CA GLY A 53 -19.68 1.76 12.24
C GLY A 53 -19.43 0.28 12.01
N LEU A 54 -18.18 -0.11 11.84
CA LEU A 54 -17.85 -1.50 11.58
C LEU A 54 -18.35 -2.42 12.69
N LEU A 55 -18.14 -2.01 13.93
CA LEU A 55 -18.59 -2.81 15.07
C LEU A 55 -20.10 -2.79 15.18
N GLY A 56 -20.73 -1.76 14.61
CA GLY A 56 -22.17 -1.67 14.56
C GLY A 56 -22.82 -2.81 13.78
N THR A 57 -22.13 -3.28 12.74
CA THR A 57 -22.66 -4.35 11.90
C THR A 57 -22.91 -5.66 12.66
N ILE A 58 -22.34 -5.78 13.86
CA ILE A 58 -22.53 -6.96 14.70
C ILE A 58 -23.69 -6.76 15.67
N THR A 59 -23.76 -5.57 16.25
CA THR A 59 -24.77 -5.25 17.25
C THR A 59 -26.06 -4.78 16.60
N GLY A 60 -25.92 -4.02 15.53
CA GLY A 60 -27.06 -3.54 14.76
C GLY A 60 -27.81 -2.33 15.28
N PRO A 61 -27.14 -1.17 15.35
CA PRO A 61 -27.90 0.06 15.58
C PRO A 61 -28.54 0.48 14.26
N PRO A 62 -29.60 1.30 14.31
CA PRO A 62 -30.35 1.73 13.12
C PRO A 62 -29.49 2.08 11.89
N GLN A 63 -28.35 2.72 12.09
CA GLN A 63 -27.43 3.06 10.99
C GLN A 63 -26.99 1.83 10.21
N CYS A 64 -26.82 0.73 10.94
CA CYS A 64 -26.27 -0.50 10.38
C CYS A 64 -27.35 -1.53 10.03
N ASP A 65 -28.60 -1.09 9.95
CA ASP A 65 -29.69 -2.01 9.62
C ASP A 65 -29.51 -2.62 8.24
N GLN A 66 -28.83 -1.90 7.37
CA GLN A 66 -28.61 -2.36 6.00
C GLN A 66 -27.26 -3.05 5.84
N PHE A 67 -26.60 -3.34 6.96
CA PHE A 67 -25.26 -3.93 6.94
C PHE A 67 -25.13 -5.13 7.86
N LEU A 68 -26.27 -5.67 8.31
CA LEU A 68 -26.26 -6.76 9.29
C LEU A 68 -25.69 -8.07 8.74
N GLU A 69 -25.63 -8.19 7.41
CA GLU A 69 -25.11 -9.40 6.77
C GLU A 69 -24.30 -9.07 5.52
N PHE A 70 -23.48 -8.03 5.58
CA PHE A 70 -22.80 -7.56 4.37
C PHE A 70 -21.78 -8.55 3.83
N SER A 71 -21.23 -8.24 2.65
CA SER A 71 -20.35 -9.14 1.94
C SER A 71 -19.46 -8.31 1.01
N ALA A 72 -18.16 -8.34 1.24
CA ALA A 72 -17.25 -7.44 0.52
C ALA A 72 -15.85 -7.98 0.25
N ASP A 73 -15.25 -7.49 -0.82
CA ASP A 73 -13.83 -7.69 -1.07
C ASP A 73 -13.10 -6.48 -0.47
N LEU A 74 -13.80 -5.36 -0.43
CA LEU A 74 -13.22 -4.10 0.06
C LEU A 74 -14.20 -3.40 1.01
N ILE A 75 -13.74 -3.07 2.20
CA ILE A 75 -14.58 -2.39 3.17
C ILE A 75 -14.06 -0.99 3.48
N ILE A 76 -14.95 -0.01 3.37
CA ILE A 76 -14.60 1.39 3.62
C ILE A 76 -15.30 1.92 4.87
N GLU A 77 -14.51 2.29 5.87
CA GLU A 77 -15.04 2.96 7.07
C GLU A 77 -15.09 4.45 6.81
N ARG A 78 -16.06 5.12 7.42
CA ARG A 78 -16.20 6.56 7.27
C ARG A 78 -16.17 7.26 8.62
N ARG A 79 -15.68 8.49 8.63
CA ARG A 79 -15.51 9.27 9.85
C ARG A 79 -16.83 9.49 10.58
N GLU A 80 -17.90 9.68 9.81
CA GLU A 80 -19.24 9.88 10.36
C GLU A 80 -19.81 8.58 10.92
N GLY A 81 -19.10 7.48 10.68
CA GLY A 81 -19.53 6.16 11.12
C GLY A 81 -19.67 6.04 12.63
N SER A 82 -20.49 5.11 13.07
CA SER A 82 -20.76 4.94 14.50
C SER A 82 -21.23 3.53 14.84
N ASP A 83 -20.64 2.94 15.87
CA ASP A 83 -20.93 1.57 16.27
C ASP A 83 -22.10 1.52 17.25
N VAL A 84 -22.70 2.67 17.54
CA VAL A 84 -23.51 2.81 18.73
C VAL A 84 -24.72 3.73 18.58
N CYS A 85 -25.84 3.31 19.17
CA CYS A 85 -26.98 4.21 19.37
C CYS A 85 -27.04 4.58 20.85
N TYR A 86 -27.35 3.61 21.70
CA TYR A 86 -27.24 3.82 23.14
C TYR A 86 -25.76 3.87 23.49
N PRO A 87 -25.34 4.93 24.19
CA PRO A 87 -23.92 5.17 24.49
C PRO A 87 -23.24 3.99 25.17
N GLY A 88 -22.04 3.67 24.71
CA GLY A 88 -21.28 2.56 25.23
C GLY A 88 -20.11 2.29 24.31
N LYS A 89 -19.36 1.21 24.57
CA LYS A 89 -18.22 0.88 23.73
C LYS A 89 -17.81 -0.58 23.84
N PHE A 90 -16.91 -0.99 22.95
CA PHE A 90 -16.42 -2.36 22.96
C PHE A 90 -15.11 -2.49 23.73
N VAL A 91 -15.01 -3.53 24.56
CA VAL A 91 -13.73 -3.91 25.13
C VAL A 91 -12.96 -4.66 24.03
N ASN A 92 -11.69 -4.33 23.85
CA ASN A 92 -10.89 -4.89 22.77
C ASN A 92 -11.52 -4.56 21.42
N GLU A 93 -11.79 -3.28 21.20
CA GLU A 93 -12.53 -2.83 20.03
C GLU A 93 -11.70 -2.83 18.75
N GLU A 94 -10.40 -2.57 18.85
CA GLU A 94 -9.58 -2.43 17.67
C GLU A 94 -9.19 -3.79 17.09
N ALA A 95 -9.00 -4.77 17.97
CA ALA A 95 -8.75 -6.13 17.52
C ALA A 95 -9.95 -6.61 16.72
N LEU A 96 -11.13 -6.40 17.26
CA LEU A 96 -12.37 -6.80 16.61
C LEU A 96 -12.52 -6.16 15.23
N ARG A 97 -12.13 -4.91 15.11
CA ARG A 97 -12.20 -4.21 13.82
C ARG A 97 -11.31 -4.90 12.80
N GLN A 98 -10.05 -5.14 13.17
CA GLN A 98 -9.09 -5.77 12.27
C GLN A 98 -9.55 -7.17 11.83
N ILE A 99 -10.33 -7.80 12.69
CA ILE A 99 -10.94 -9.09 12.36
C ILE A 99 -12.01 -8.90 11.28
N LEU A 100 -12.88 -7.91 11.50
CA LEU A 100 -13.99 -7.65 10.59
C LEU A 100 -13.54 -7.12 9.23
N ARG A 101 -12.44 -6.35 9.21
CA ARG A 101 -11.94 -5.77 7.98
C ARG A 101 -11.55 -6.83 6.95
N GLU A 102 -10.96 -7.92 7.42
CA GLU A 102 -10.49 -8.99 6.54
C GLU A 102 -11.44 -10.19 6.53
N SER A 103 -12.67 -9.98 6.98
CA SER A 103 -13.61 -11.09 7.14
C SER A 103 -14.33 -11.45 5.83
N GLY A 104 -14.28 -10.54 4.86
CA GLY A 104 -15.02 -10.75 3.62
C GLY A 104 -16.51 -10.60 3.82
N GLY A 105 -16.89 -9.98 4.93
CA GLY A 105 -18.29 -9.83 5.28
C GLY A 105 -18.69 -10.78 6.38
N ILE A 106 -19.93 -10.66 6.85
CA ILE A 106 -20.44 -11.50 7.94
C ILE A 106 -21.75 -12.20 7.60
N ASP A 107 -21.95 -13.37 8.18
CA ASP A 107 -23.21 -14.10 8.07
C ASP A 107 -23.80 -14.33 9.46
N LYS A 108 -25.03 -13.88 9.67
CA LYS A 108 -25.68 -14.02 10.98
C LYS A 108 -26.41 -15.35 11.13
N GLU A 109 -26.67 -15.74 12.38
CA GLU A 109 -27.41 -16.97 12.68
C GLU A 109 -28.04 -16.90 14.07
N ALA A 110 -29.30 -17.28 14.16
CA ALA A 110 -30.02 -17.28 15.44
C ALA A 110 -29.38 -18.24 16.43
N MET A 111 -29.20 -17.79 17.66
CA MET A 111 -28.66 -18.63 18.72
C MET A 111 -29.79 -19.32 19.47
N GLY A 112 -31.00 -18.77 19.34
CA GLY A 112 -32.20 -19.42 19.84
C GLY A 112 -32.42 -19.37 21.33
N PHE A 113 -31.94 -18.31 21.98
CA PHE A 113 -32.16 -18.15 23.41
C PHE A 113 -33.63 -17.86 23.70
N THR A 114 -34.22 -18.66 24.60
CA THR A 114 -35.62 -18.49 24.99
C THR A 114 -35.71 -17.94 26.42
N TYR A 115 -36.77 -17.17 26.70
CA TYR A 115 -36.86 -16.47 27.97
C TYR A 115 -38.19 -16.64 28.70
N SER A 116 -38.10 -17.21 29.91
CA SER A 116 -39.27 -17.38 30.78
C SER A 116 -39.03 -16.68 32.11
N GLY A 117 -40.04 -15.94 32.57
CA GLY A 117 -39.96 -15.28 33.86
C GLY A 117 -39.17 -13.98 33.88
N ILE A 118 -38.98 -13.38 32.71
CA ILE A 118 -38.35 -12.06 32.60
C ILE A 118 -39.02 -11.23 31.50
N ARG A 119 -38.52 -10.01 31.29
CA ARG A 119 -38.97 -9.20 30.16
C ARG A 119 -37.91 -9.23 29.05
N THR A 120 -38.27 -8.74 27.86
CA THR A 120 -37.42 -8.94 26.69
C THR A 120 -37.39 -7.77 25.72
N ASN A 121 -38.35 -6.85 25.86
CA ASN A 121 -38.49 -5.78 24.88
C ASN A 121 -37.93 -4.41 25.33
N GLY A 122 -36.78 -4.43 25.99
CA GLY A 122 -36.14 -3.20 26.41
C GLY A 122 -35.71 -2.32 25.23
N ALA A 123 -36.06 -1.04 25.29
CA ALA A 123 -35.75 -0.10 24.21
C ALA A 123 -35.31 1.27 24.73
N THR A 124 -35.06 2.20 23.80
CA THR A 124 -34.57 3.53 24.16
C THR A 124 -34.80 4.52 23.01
N SER A 125 -34.87 5.80 23.32
CA SER A 125 -35.07 6.83 22.31
C SER A 125 -33.76 7.21 21.62
N ALA A 126 -32.66 6.58 22.03
CA ALA A 126 -31.37 6.77 21.39
C ALA A 126 -31.29 5.92 20.12
N CYS A 127 -32.09 4.85 20.09
CA CYS A 127 -32.17 3.98 18.93
C CYS A 127 -33.54 4.12 18.28
N ARG A 128 -33.70 5.10 17.39
CA ARG A 128 -34.99 5.35 16.77
C ARG A 128 -35.25 4.48 15.54
N ARG A 129 -36.47 3.98 15.44
CA ARG A 129 -36.96 3.36 14.21
C ARG A 129 -38.39 3.86 13.98
N SER A 130 -39.38 3.05 14.34
CA SER A 130 -40.75 3.53 14.40
C SER A 130 -40.78 4.61 15.46
N GLY A 131 -40.41 4.21 16.68
CA GLY A 131 -40.19 5.14 17.77
C GLY A 131 -38.94 4.72 18.51
N SER A 132 -39.05 4.49 19.81
CA SER A 132 -37.92 4.01 20.60
C SER A 132 -37.68 2.53 20.32
N SER A 133 -36.45 2.18 19.95
CA SER A 133 -36.09 0.80 19.65
C SER A 133 -34.81 0.38 20.36
N PHE A 134 -34.13 -0.64 19.83
CA PHE A 134 -32.89 -1.13 20.42
C PHE A 134 -31.98 -1.73 19.35
N TYR A 135 -30.82 -2.23 19.76
CA TYR A 135 -29.91 -2.95 18.87
C TYR A 135 -30.64 -4.15 18.26
N ALA A 136 -30.49 -4.32 16.95
CA ALA A 136 -31.27 -5.32 16.22
C ALA A 136 -30.81 -6.75 16.45
N GLU A 137 -29.54 -6.92 16.81
CA GLU A 137 -28.97 -8.25 16.97
C GLU A 137 -28.85 -8.59 18.45
N MET A 138 -29.29 -7.66 19.30
CA MET A 138 -29.18 -7.84 20.74
C MET A 138 -30.57 -7.80 21.37
N LYS A 139 -30.62 -8.06 22.68
CA LYS A 139 -31.89 -8.04 23.40
C LYS A 139 -31.70 -7.50 24.80
N TRP A 140 -32.45 -6.46 25.13
CA TRP A 140 -32.35 -5.84 26.45
C TRP A 140 -33.20 -6.59 27.46
N LEU A 141 -32.61 -7.63 28.07
CA LEU A 141 -33.31 -8.43 29.07
C LEU A 141 -33.65 -7.60 30.30
N LEU A 142 -34.78 -7.90 30.93
CA LEU A 142 -35.31 -7.05 31.98
C LEU A 142 -36.18 -7.84 32.95
N SER A 143 -36.38 -7.31 34.15
CA SER A 143 -37.29 -7.93 35.11
C SER A 143 -38.74 -7.74 34.65
N ASN A 144 -39.57 -8.74 34.94
CA ASN A 144 -40.97 -8.75 34.51
C ASN A 144 -41.73 -7.47 34.77
N THR A 145 -41.64 -6.97 36.01
CA THR A 145 -42.37 -5.78 36.39
C THR A 145 -41.46 -4.56 36.47
N ASP A 146 -42.04 -3.44 36.86
CA ASP A 146 -41.34 -2.17 36.93
C ASP A 146 -40.41 -2.12 38.16
N ASN A 147 -40.19 -3.28 38.76
CA ASN A 147 -39.16 -3.49 39.75
C ASN A 147 -38.91 -5.00 39.87
N ALA A 148 -38.77 -5.48 41.09
CA ALA A 148 -38.65 -6.91 41.38
C ALA A 148 -37.28 -7.51 41.03
N ALA A 149 -37.13 -8.79 41.34
CA ALA A 149 -35.87 -9.50 41.10
C ALA A 149 -35.72 -10.05 39.68
N PHE A 150 -34.52 -10.58 39.41
CA PHE A 150 -34.20 -11.18 38.13
C PHE A 150 -33.61 -12.56 38.39
N PRO A 151 -34.30 -13.61 37.93
CA PRO A 151 -33.88 -15.01 38.17
C PRO A 151 -32.48 -15.27 37.65
N GLN A 152 -31.67 -16.00 38.41
CA GLN A 152 -30.36 -16.42 37.93
C GLN A 152 -30.55 -17.38 36.76
N MET A 153 -30.58 -16.82 35.55
CA MET A 153 -30.78 -17.63 34.35
C MET A 153 -29.45 -18.15 33.84
N THR A 154 -29.51 -19.07 32.87
CA THR A 154 -28.30 -19.60 32.25
C THR A 154 -28.61 -20.08 30.83
N LYS A 155 -28.03 -19.40 29.85
CA LYS A 155 -28.24 -19.74 28.46
C LYS A 155 -26.95 -20.30 27.87
N SER A 156 -27.08 -21.18 26.89
CA SER A 156 -25.91 -21.79 26.27
C SER A 156 -26.09 -21.93 24.76
N TYR A 157 -24.99 -21.85 24.02
CA TYR A 157 -25.03 -21.96 22.57
C TYR A 157 -23.81 -22.69 22.02
N LYS A 158 -24.05 -23.73 21.23
CA LYS A 158 -22.95 -24.50 20.64
C LYS A 158 -22.79 -24.15 19.17
N ASN A 159 -21.55 -23.85 18.78
CA ASN A 159 -21.23 -23.58 17.39
C ASN A 159 -21.23 -24.86 16.56
N THR A 160 -22.32 -25.09 15.83
CA THR A 160 -22.48 -26.32 15.07
C THR A 160 -21.79 -26.22 13.72
N ARG A 161 -21.06 -25.12 13.50
CA ARG A 161 -20.45 -24.85 12.21
C ARG A 161 -19.00 -25.32 12.15
N LYS A 162 -18.38 -25.14 10.98
CA LYS A 162 -16.99 -25.52 10.78
C LYS A 162 -16.08 -24.32 11.04
N SER A 163 -16.69 -23.16 11.24
CA SER A 163 -15.98 -21.90 11.41
C SER A 163 -16.23 -21.32 12.80
N PRO A 164 -15.28 -20.52 13.31
CA PRO A 164 -15.45 -19.79 14.57
C PRO A 164 -16.64 -18.83 14.58
N ALA A 165 -17.41 -18.83 15.66
CA ALA A 165 -18.59 -17.98 15.78
C ALA A 165 -18.35 -16.75 16.65
N LEU A 166 -18.54 -15.57 16.07
CA LEU A 166 -18.39 -14.33 16.82
C LEU A 166 -19.56 -14.09 17.77
N ILE A 167 -19.30 -14.29 19.07
CA ILE A 167 -20.31 -14.06 20.08
C ILE A 167 -20.10 -12.67 20.70
N VAL A 168 -21.19 -11.94 20.92
CA VAL A 168 -21.13 -10.61 21.53
C VAL A 168 -22.25 -10.40 22.54
N TRP A 169 -21.90 -9.97 23.76
CA TRP A 169 -22.91 -9.65 24.77
C TRP A 169 -22.65 -8.26 25.35
N GLY A 170 -23.59 -7.77 26.15
CA GLY A 170 -23.47 -6.43 26.70
C GLY A 170 -23.83 -6.29 28.17
N ILE A 171 -23.08 -5.45 28.87
CA ILE A 171 -23.36 -5.15 30.27
C ILE A 171 -23.92 -3.74 30.40
N HIS A 172 -25.16 -3.64 30.85
CA HIS A 172 -25.76 -2.33 31.06
C HIS A 172 -25.31 -1.72 32.37
N HIS A 173 -24.77 -0.50 32.29
CA HIS A 173 -24.39 0.25 33.47
C HIS A 173 -25.41 1.37 33.71
N SER A 174 -26.28 1.15 34.70
CA SER A 174 -27.36 2.07 35.01
C SER A 174 -26.84 3.39 35.56
N VAL A 175 -27.70 4.42 35.53
CA VAL A 175 -27.34 5.74 35.99
C VAL A 175 -27.04 5.76 37.49
N SER A 176 -27.69 4.85 38.22
CA SER A 176 -27.59 4.82 39.68
C SER A 176 -27.88 3.43 40.22
N THR A 177 -27.73 3.29 41.53
CA THR A 177 -28.06 2.04 42.20
C THR A 177 -29.57 1.90 42.30
N ALA A 178 -30.26 3.03 42.17
CA ALA A 178 -31.72 3.03 42.11
C ALA A 178 -32.17 2.48 40.75
N GLU A 179 -31.57 2.98 39.68
CA GLU A 179 -31.95 2.58 38.33
C GLU A 179 -31.65 1.12 38.07
N GLN A 180 -30.54 0.63 38.61
CA GLN A 180 -30.14 -0.75 38.43
C GLN A 180 -31.16 -1.72 39.04
N THR A 181 -31.71 -1.35 40.19
CA THR A 181 -32.70 -2.18 40.87
C THR A 181 -34.06 -2.11 40.17
N LYS A 182 -34.43 -0.91 39.74
CA LYS A 182 -35.69 -0.71 39.01
C LYS A 182 -35.73 -1.58 37.76
N LEU A 183 -34.56 -1.86 37.20
CA LEU A 183 -34.48 -2.68 36.01
C LEU A 183 -34.29 -4.17 36.33
N TYR A 184 -33.44 -4.47 37.31
CA TYR A 184 -33.08 -5.86 37.59
C TYR A 184 -33.17 -6.28 39.06
N GLY A 185 -33.82 -5.47 39.89
CA GLY A 185 -33.91 -5.78 41.31
C GLY A 185 -32.60 -5.52 42.04
N SER A 186 -32.64 -5.50 43.37
CA SER A 186 -31.46 -5.19 44.17
C SER A 186 -30.44 -6.33 44.17
N GLY A 187 -29.26 -6.05 44.70
CA GLY A 187 -28.23 -7.06 44.88
C GLY A 187 -27.08 -6.97 43.91
N ASN A 188 -25.94 -7.53 44.30
CA ASN A 188 -24.77 -7.63 43.42
C ASN A 188 -25.07 -8.46 42.18
N LYS A 189 -25.11 -7.80 41.03
CA LYS A 189 -25.39 -8.50 39.77
C LYS A 189 -24.10 -9.05 39.14
N LEU A 190 -24.16 -10.30 38.69
CA LEU A 190 -22.97 -10.97 38.14
C LEU A 190 -23.26 -11.73 36.86
N VAL A 191 -22.57 -11.34 35.78
CA VAL A 191 -22.66 -12.06 34.51
C VAL A 191 -21.37 -12.85 34.27
N THR A 192 -21.46 -14.17 34.35
CA THR A 192 -20.29 -15.01 34.11
C THR A 192 -20.38 -15.68 32.74
N VAL A 193 -19.22 -15.89 32.12
CA VAL A 193 -19.12 -16.39 30.75
C VAL A 193 -17.90 -17.29 30.58
N GLY A 194 -18.09 -18.46 29.97
CA GLY A 194 -16.98 -19.37 29.74
C GLY A 194 -17.13 -20.27 28.52
N SER A 195 -16.01 -20.84 28.08
CA SER A 195 -16.01 -21.83 27.01
C SER A 195 -14.82 -22.78 27.20
N SER A 196 -14.48 -23.52 26.15
CA SER A 196 -13.30 -24.38 26.18
C SER A 196 -12.10 -23.62 25.64
N ASN A 197 -11.99 -22.36 26.03
CA ASN A 197 -11.02 -21.44 25.46
C ASN A 197 -11.07 -20.12 26.22
N TYR A 198 -12.27 -19.75 26.66
CA TYR A 198 -12.52 -18.45 27.29
C TYR A 198 -12.85 -18.62 28.76
N GLN A 199 -12.65 -17.55 29.53
CA GLN A 199 -12.81 -17.60 30.97
C GLN A 199 -12.84 -16.17 31.52
N GLN A 200 -14.04 -15.70 31.87
CA GLN A 200 -14.22 -14.34 32.37
C GLN A 200 -15.56 -14.14 33.07
N SER A 201 -15.78 -12.93 33.61
CA SER A 201 -16.98 -12.62 34.36
C SER A 201 -17.14 -11.11 34.52
N PHE A 202 -18.39 -10.64 34.64
CA PHE A 202 -18.67 -9.22 34.57
C PHE A 202 -19.69 -8.72 35.60
N VAL A 203 -19.40 -7.56 36.18
CA VAL A 203 -20.29 -6.91 37.13
C VAL A 203 -20.63 -5.53 36.57
N PRO A 204 -21.90 -5.09 36.73
CA PRO A 204 -22.23 -3.72 36.30
C PRO A 204 -21.56 -2.69 37.20
N SER A 205 -21.74 -1.41 36.88
CA SER A 205 -21.11 -0.34 37.63
C SER A 205 -21.92 0.94 37.54
N PRO A 206 -23.06 0.99 38.25
CA PRO A 206 -23.95 2.15 38.19
C PRO A 206 -23.28 3.42 38.70
N GLY A 207 -23.74 4.56 38.20
CA GLY A 207 -23.13 5.84 38.51
C GLY A 207 -23.31 6.83 37.37
N ALA A 208 -23.26 8.11 37.67
CA ALA A 208 -23.52 9.15 36.68
C ALA A 208 -22.37 9.40 35.72
N ARG A 209 -22.63 9.21 34.42
CA ARG A 209 -21.71 9.63 33.38
C ARG A 209 -22.36 10.80 32.64
N PRO A 210 -21.58 11.55 31.84
CA PRO A 210 -22.22 12.64 31.08
C PRO A 210 -23.19 12.08 30.03
N GLN A 211 -24.07 12.94 29.50
CA GLN A 211 -25.08 12.49 28.54
C GLN A 211 -24.57 12.45 27.10
N VAL A 212 -24.59 11.25 26.52
CA VAL A 212 -24.27 11.05 25.11
C VAL A 212 -25.50 10.47 24.42
N ASN A 213 -25.92 11.10 23.32
CA ASN A 213 -27.19 10.79 22.65
C ASN A 213 -28.42 11.04 23.52
N GLY A 214 -28.21 11.68 24.66
CA GLY A 214 -29.29 11.98 25.59
C GLY A 214 -29.33 11.07 26.80
N GLN A 215 -28.36 10.17 26.92
CA GLN A 215 -28.36 9.17 28.00
C GLN A 215 -27.11 9.18 28.86
N SER A 216 -27.28 8.90 30.16
CA SER A 216 -26.17 8.87 31.09
C SER A 216 -25.71 7.44 31.41
N GLY A 217 -26.53 6.46 31.05
CA GLY A 217 -26.13 5.08 31.20
C GLY A 217 -25.21 4.67 30.06
N ARG A 218 -24.46 3.58 30.27
CA ARG A 218 -23.56 3.09 29.23
C ARG A 218 -23.78 1.60 29.00
N ILE A 219 -23.34 1.12 27.85
CA ILE A 219 -23.35 -0.31 27.59
C ILE A 219 -21.97 -0.84 27.18
N ASP A 220 -21.33 -1.57 28.09
CA ASP A 220 -20.09 -2.26 27.76
C ASP A 220 -20.41 -3.37 26.78
N PHE A 221 -19.71 -3.39 25.66
CA PHE A 221 -19.85 -4.48 24.71
C PHE A 221 -18.62 -5.38 24.78
N HIS A 222 -18.85 -6.67 24.98
CA HIS A 222 -17.76 -7.65 25.06
C HIS A 222 -17.97 -8.70 23.99
N TRP A 223 -16.92 -9.47 23.73
CA TRP A 223 -17.00 -10.49 22.70
C TRP A 223 -15.98 -11.61 22.86
N LEU A 224 -16.31 -12.78 22.31
CA LEU A 224 -15.39 -13.90 22.26
C LEU A 224 -15.70 -14.71 21.01
N MET A 225 -14.73 -15.52 20.58
CA MET A 225 -14.93 -16.37 19.41
C MET A 225 -15.12 -17.83 19.81
N LEU A 226 -16.19 -18.44 19.31
CA LEU A 226 -16.50 -19.84 19.61
C LEU A 226 -16.00 -20.79 18.52
N ASN A 227 -15.08 -21.67 18.88
CA ASN A 227 -14.58 -22.68 17.96
C ASN A 227 -15.63 -23.74 17.64
N PRO A 228 -15.49 -24.41 16.47
CA PRO A 228 -16.40 -25.49 16.10
C PRO A 228 -16.52 -26.55 17.19
N ASN A 229 -17.76 -26.95 17.48
CA ASN A 229 -18.08 -27.94 18.51
C ASN A 229 -17.86 -27.48 19.95
N ASP A 230 -17.28 -26.30 20.13
CA ASP A 230 -17.14 -25.71 21.45
C ASP A 230 -18.43 -25.01 21.85
N THR A 231 -18.71 -24.96 23.15
CA THR A 231 -19.95 -24.39 23.66
C THR A 231 -19.67 -23.20 24.56
N VAL A 232 -20.55 -22.20 24.53
CA VAL A 232 -20.45 -21.04 25.41
C VAL A 232 -21.67 -20.94 26.31
N THR A 233 -21.46 -20.56 27.56
CA THR A 233 -22.56 -20.49 28.53
C THR A 233 -22.62 -19.14 29.22
N PHE A 234 -23.83 -18.61 29.35
CA PHE A 234 -24.04 -17.29 29.94
C PHE A 234 -24.77 -17.37 31.29
N SER A 235 -24.00 -17.45 32.37
CA SER A 235 -24.56 -17.42 33.71
C SER A 235 -24.74 -15.96 34.13
N PHE A 236 -25.99 -15.52 34.24
CA PHE A 236 -26.26 -14.12 34.53
C PHE A 236 -27.48 -13.91 35.42
N ASN A 237 -27.62 -12.69 35.94
CA ASN A 237 -28.71 -12.36 36.85
C ASN A 237 -29.24 -10.94 36.68
N GLY A 238 -28.82 -10.27 35.61
CA GLY A 238 -29.25 -8.91 35.34
C GLY A 238 -28.16 -8.03 34.75
N ALA A 239 -28.51 -6.78 34.47
CA ALA A 239 -27.60 -5.81 33.87
C ALA A 239 -26.92 -6.37 32.62
N PHE A 240 -27.71 -7.05 31.80
CA PHE A 240 -27.16 -7.90 30.74
C PHE A 240 -27.88 -7.74 29.40
N ILE A 241 -27.12 -7.40 28.37
CA ILE A 241 -27.66 -7.28 27.01
C ILE A 241 -27.40 -8.59 26.26
N ALA A 242 -28.45 -9.38 26.07
CA ALA A 242 -28.32 -10.72 25.49
C ALA A 242 -28.07 -10.69 23.98
N PRO A 243 -27.20 -11.59 23.50
CA PRO A 243 -27.00 -11.77 22.06
C PRO A 243 -28.18 -12.51 21.46
N ASP A 244 -28.68 -12.01 20.33
CA ASP A 244 -29.78 -12.68 19.64
C ASP A 244 -29.22 -13.57 18.53
N ARG A 245 -28.29 -13.04 17.76
CA ARG A 245 -27.67 -13.78 16.67
C ARG A 245 -26.15 -13.74 16.74
N ALA A 246 -25.52 -14.82 16.32
CA ALA A 246 -24.05 -14.89 16.25
C ALA A 246 -23.60 -14.55 14.84
N SER A 247 -22.29 -14.41 14.64
CA SER A 247 -21.76 -13.99 13.34
C SER A 247 -20.68 -14.94 12.83
N PHE A 248 -20.56 -15.05 11.52
CA PHE A 248 -19.55 -15.89 10.90
C PHE A 248 -18.85 -15.15 9.77
N LEU A 249 -17.54 -15.30 9.68
CA LEU A 249 -16.76 -14.59 8.66
C LEU A 249 -16.96 -15.26 7.30
N ARG A 250 -17.39 -14.49 6.31
CA ARG A 250 -17.66 -15.03 4.97
C ARG A 250 -16.41 -15.55 4.29
N GLY A 251 -15.33 -14.77 4.34
CA GLY A 251 -14.09 -15.16 3.68
C GLY A 251 -12.94 -14.20 3.89
N LYS A 252 -12.54 -13.53 2.80
CA LYS A 252 -11.40 -12.62 2.84
C LYS A 252 -11.79 -11.24 2.32
N SER A 253 -11.19 -10.20 2.90
CA SER A 253 -11.36 -8.84 2.40
C SER A 253 -10.25 -7.94 2.90
N MET A 254 -10.32 -6.67 2.53
CA MET A 254 -9.40 -5.67 3.03
C MET A 254 -10.24 -4.51 3.56
N GLY A 255 -9.75 -3.86 4.61
CA GLY A 255 -10.47 -2.73 5.19
C GLY A 255 -9.65 -1.46 5.19
N ILE A 256 -10.25 -0.36 4.75
CA ILE A 256 -9.59 0.94 4.79
C ILE A 256 -10.47 2.00 5.44
N GLN A 257 -9.85 3.12 5.79
CA GLN A 257 -10.56 4.28 6.28
C GLN A 257 -10.26 5.43 5.33
N SER A 258 -11.30 6.08 4.82
CA SER A 258 -11.11 7.13 3.83
C SER A 258 -12.15 8.23 3.92
N GLY A 259 -11.84 9.37 3.30
CA GLY A 259 -12.79 10.47 3.22
C GLY A 259 -13.06 10.91 1.80
N VAL A 260 -12.66 10.09 0.82
CA VAL A 260 -12.91 10.43 -0.58
C VAL A 260 -13.88 9.47 -1.27
N GLN A 261 -14.41 9.89 -2.41
CA GLN A 261 -15.45 9.16 -3.13
C GLN A 261 -14.99 7.82 -3.68
N VAL A 262 -15.96 6.97 -4.03
CA VAL A 262 -15.71 5.68 -4.68
C VAL A 262 -15.73 5.85 -6.20
N ASP A 263 -14.75 5.27 -6.90
CA ASP A 263 -14.70 5.38 -8.35
C ASP A 263 -14.58 4.00 -9.00
N ALA A 264 -15.67 3.49 -9.54
CA ALA A 264 -15.66 2.19 -10.21
C ALA A 264 -15.03 2.28 -11.59
N ASN A 265 -14.49 3.45 -11.91
CA ASN A 265 -13.88 3.69 -13.22
C ASN A 265 -12.39 3.36 -13.23
N CYS A 266 -11.76 3.35 -12.06
CA CYS A 266 -10.35 3.05 -11.95
C CYS A 266 -10.10 1.85 -11.03
N GLU A 267 -9.05 1.08 -11.31
CA GLU A 267 -8.69 -0.06 -10.46
C GLU A 267 -7.53 0.23 -9.51
N GLY A 268 -7.76 0.02 -8.21
CA GLY A 268 -6.72 0.24 -7.22
C GLY A 268 -6.36 -1.02 -6.43
N ASP A 269 -5.24 -0.96 -5.72
CA ASP A 269 -4.80 -2.08 -4.89
C ASP A 269 -4.00 -1.54 -3.72
N CYS A 270 -3.51 -0.32 -3.86
CA CYS A 270 -2.87 0.38 -2.75
C CYS A 270 -3.73 1.59 -2.38
N TYR A 271 -4.29 1.55 -1.18
CA TYR A 271 -5.18 2.60 -0.73
C TYR A 271 -4.65 3.36 0.49
N HIS A 272 -5.15 4.57 0.67
CA HIS A 272 -4.96 5.36 1.89
C HIS A 272 -6.16 6.27 2.06
N SER A 273 -6.18 7.10 3.10
CA SER A 273 -7.37 7.89 3.44
C SER A 273 -7.69 8.98 2.43
N GLY A 274 -6.70 9.39 1.65
CA GLY A 274 -6.88 10.46 0.69
C GLY A 274 -7.01 10.00 -0.75
N GLY A 275 -7.18 8.69 -0.94
CA GLY A 275 -7.36 8.14 -2.27
C GLY A 275 -6.57 6.88 -2.59
N THR A 276 -6.22 6.71 -3.86
CA THR A 276 -5.63 5.48 -4.35
C THR A 276 -4.29 5.76 -5.03
N ILE A 277 -3.30 4.91 -4.73
CA ILE A 277 -2.00 5.04 -5.35
C ILE A 277 -1.83 3.99 -6.46
N ILE A 278 -1.99 4.44 -7.71
CA ILE A 278 -1.79 3.59 -8.88
C ILE A 278 -0.41 3.86 -9.46
N SER A 279 0.49 2.88 -9.35
CA SER A 279 1.87 3.08 -9.78
C SER A 279 2.62 1.76 -9.89
N ASN A 280 3.64 1.74 -10.76
CA ASN A 280 4.52 0.59 -10.87
C ASN A 280 5.84 0.85 -10.15
N LEU A 281 6.04 2.09 -9.74
CA LEU A 281 7.26 2.52 -9.07
C LEU A 281 7.48 1.79 -7.74
N PRO A 282 8.74 1.48 -7.41
CA PRO A 282 9.03 0.70 -6.21
C PRO A 282 8.81 1.47 -4.92
N PHE A 283 8.83 2.80 -4.98
CA PHE A 283 8.70 3.63 -3.79
C PHE A 283 7.65 4.73 -3.91
N GLN A 284 7.30 5.34 -2.78
CA GLN A 284 6.27 6.38 -2.74
C GLN A 284 6.49 7.36 -1.59
N ASN A 285 6.09 8.60 -1.79
CA ASN A 285 6.23 9.63 -0.76
C ASN A 285 4.88 10.31 -0.51
N ILE A 286 3.84 9.49 -0.36
CA ILE A 286 2.47 10.02 -0.24
C ILE A 286 1.87 9.80 1.14
N ASP A 287 1.79 8.53 1.56
CA ASP A 287 1.24 8.19 2.87
C ASP A 287 1.97 6.98 3.42
N SER A 288 2.60 7.14 4.58
CA SER A 288 3.39 6.07 5.19
C SER A 288 2.50 4.92 5.65
N ARG A 289 1.23 5.21 5.90
CA ARG A 289 0.30 4.23 6.43
C ARG A 289 -0.63 3.63 5.37
N ALA A 290 -0.30 3.89 4.10
CA ALA A 290 -1.01 3.28 2.97
C ALA A 290 -1.03 1.76 3.13
N VAL A 291 -2.16 1.15 2.78
CA VAL A 291 -2.32 -0.29 2.93
C VAL A 291 -2.82 -0.94 1.65
N GLY A 292 -2.67 -2.26 1.56
CA GLY A 292 -2.97 -2.99 0.33
C GLY A 292 -1.68 -3.44 -0.35
N LYS A 293 -1.71 -3.53 -1.68
CA LYS A 293 -0.49 -3.84 -2.44
C LYS A 293 0.20 -2.56 -2.86
N CYS A 294 1.15 -2.10 -2.05
CA CYS A 294 1.73 -0.76 -2.22
C CYS A 294 3.24 -0.75 -2.44
N PRO A 295 3.75 0.34 -3.05
CA PRO A 295 5.20 0.57 -3.06
C PRO A 295 5.66 0.96 -1.66
N ARG A 296 6.97 0.90 -1.40
CA ARG A 296 7.46 1.22 -0.06
C ARG A 296 7.47 2.74 0.16
N TYR A 297 7.03 3.18 1.33
CA TYR A 297 7.14 4.57 1.67
C TYR A 297 8.60 4.97 1.87
N VAL A 298 8.98 6.13 1.31
CA VAL A 298 10.30 6.70 1.56
C VAL A 298 10.15 8.18 1.93
N LYS A 299 11.09 8.71 2.71
CA LYS A 299 11.08 10.11 3.10
C LYS A 299 11.32 11.03 1.91
N GLN A 300 12.18 10.59 0.99
CA GLN A 300 12.55 11.41 -0.17
C GLN A 300 11.37 11.75 -1.08
N ARG A 301 11.35 12.99 -1.54
CA ARG A 301 10.34 13.47 -2.47
C ARG A 301 10.62 12.97 -3.88
N SER A 302 11.90 12.79 -4.20
CA SER A 302 12.30 12.42 -5.56
C SER A 302 13.65 11.72 -5.60
N LEU A 303 13.74 10.65 -6.40
CA LEU A 303 14.99 9.93 -6.61
C LEU A 303 15.09 9.55 -8.08
N LEU A 304 15.85 10.33 -8.85
CA LEU A 304 15.91 10.16 -10.31
C LEU A 304 16.88 9.07 -10.75
N LEU A 305 16.36 8.08 -11.48
CA LEU A 305 17.17 7.00 -12.01
C LEU A 305 17.65 7.35 -13.41
N ALA A 306 18.97 7.34 -13.61
CA ALA A 306 19.54 7.67 -14.91
C ALA A 306 19.14 6.63 -15.95
N THR A 307 18.57 7.10 -17.06
CA THR A 307 18.23 6.25 -18.18
C THR A 307 19.03 6.65 -19.42
N GLY A 308 20.21 7.21 -19.19
CA GLY A 308 21.07 7.67 -20.26
C GLY A 308 22.50 7.85 -19.79
N MET A 309 23.36 8.33 -20.68
CA MET A 309 24.78 8.49 -20.39
C MET A 309 25.08 9.88 -19.82
N LYS A 310 26.37 10.14 -19.58
CA LYS A 310 26.84 11.47 -19.20
C LYS A 310 26.45 12.45 -20.28
N ASN A 311 26.07 13.66 -19.89
CA ASN A 311 25.74 14.69 -20.87
C ASN A 311 26.74 15.85 -20.85
N VAL A 312 27.59 15.89 -21.88
CA VAL A 312 28.57 16.96 -22.01
C VAL A 312 28.36 17.74 -23.30
N PRO A 313 28.08 19.05 -23.18
CA PRO A 313 27.98 19.95 -24.33
C PRO A 313 29.35 20.45 -24.77
N GLU A 314 29.42 21.09 -25.93
CA GLU A 314 30.67 21.66 -26.45
C GLU A 314 31.37 22.58 -25.46
N LEU B 1 35.03 3.43 -14.39
CA LEU B 1 35.00 4.41 -15.48
C LEU B 1 36.07 4.11 -16.52
N PHE B 2 35.66 4.06 -17.78
CA PHE B 2 36.53 3.60 -18.86
C PHE B 2 37.29 4.72 -19.56
N GLY B 3 36.97 5.97 -19.22
CA GLY B 3 37.67 7.12 -19.77
C GLY B 3 37.48 7.30 -21.27
N ALA B 4 36.28 7.73 -21.65
CA ALA B 4 35.96 8.01 -23.05
C ALA B 4 34.97 9.16 -23.12
N ILE B 5 33.71 8.86 -22.82
CA ILE B 5 32.69 9.90 -22.67
C ILE B 5 33.09 10.80 -21.51
N ALA B 6 33.26 12.09 -21.77
CA ALA B 6 33.86 13.01 -20.81
C ALA B 6 35.24 12.51 -20.37
N GLY B 7 35.99 11.97 -21.32
CA GLY B 7 37.35 11.52 -21.10
C GLY B 7 38.28 12.13 -22.13
N PHE B 8 38.76 11.32 -23.07
CA PHE B 8 39.55 11.83 -24.18
C PHE B 8 38.65 12.28 -25.33
N ILE B 9 37.34 12.31 -25.06
CA ILE B 9 36.37 12.91 -25.96
C ILE B 9 35.71 14.06 -25.23
N GLU B 10 36.08 15.28 -25.60
CA GLU B 10 35.74 16.46 -24.81
C GLU B 10 34.27 16.87 -24.89
N ASN B 11 33.59 16.52 -25.98
CA ASN B 11 32.21 16.92 -26.16
C ASN B 11 31.33 15.78 -26.68
N GLY B 12 30.04 16.07 -26.82
CA GLY B 12 29.10 15.14 -27.40
C GLY B 12 28.41 15.78 -28.59
N TRP B 13 27.93 14.96 -29.51
CA TRP B 13 27.32 15.48 -30.73
C TRP B 13 25.82 15.70 -30.58
N GLU B 14 25.44 16.94 -30.33
CA GLU B 14 24.03 17.31 -30.19
C GLU B 14 23.32 17.20 -31.52
N GLY B 15 24.09 17.20 -32.61
CA GLY B 15 23.53 16.99 -33.93
C GLY B 15 23.12 15.55 -34.14
N LEU B 16 23.69 14.65 -33.34
CA LEU B 16 23.36 13.23 -33.44
C LEU B 16 22.04 12.95 -32.74
N ILE B 17 20.95 13.01 -33.51
CA ILE B 17 19.63 12.71 -33.01
C ILE B 17 19.21 11.33 -33.49
N ASP B 18 20.10 10.68 -34.23
CA ASP B 18 19.80 9.41 -34.89
C ASP B 18 20.07 8.22 -33.97
N GLY B 19 20.97 8.39 -33.01
CA GLY B 19 21.32 7.32 -32.10
C GLY B 19 22.21 7.76 -30.94
N TRP B 20 22.75 6.80 -30.21
CA TRP B 20 23.62 7.08 -29.08
C TRP B 20 25.07 7.26 -29.52
N TYR B 21 25.53 6.37 -30.39
CA TYR B 21 26.90 6.42 -30.89
C TYR B 21 26.92 6.44 -32.42
N GLY B 22 27.91 7.10 -32.99
CA GLY B 22 28.02 7.18 -34.44
C GLY B 22 29.38 7.68 -34.92
N PHE B 23 29.52 7.77 -36.25
CA PHE B 23 30.77 8.22 -36.85
C PHE B 23 30.57 9.56 -37.57
N ARG B 24 31.56 10.43 -37.47
CA ARG B 24 31.56 11.68 -38.25
C ARG B 24 32.89 11.81 -38.97
N HIS B 25 32.89 11.56 -40.28
CA HIS B 25 34.11 11.55 -41.08
C HIS B 25 34.39 12.89 -41.72
N GLN B 26 35.50 12.98 -42.44
CA GLN B 26 35.82 14.15 -43.25
C GLN B 26 36.82 13.79 -44.35
N ASN B 27 36.30 13.32 -45.48
CA ASN B 27 37.13 13.13 -46.66
C ASN B 27 36.91 14.24 -47.69
N ALA B 28 36.93 13.90 -48.97
CA ALA B 28 36.83 14.90 -50.03
C ALA B 28 35.40 15.11 -50.53
N GLN B 29 34.60 14.04 -50.56
CA GLN B 29 33.28 14.05 -51.18
C GLN B 29 32.20 14.80 -50.40
N GLY B 30 32.62 15.76 -49.57
CA GLY B 30 31.68 16.51 -48.76
C GLY B 30 31.78 16.16 -47.29
N GLU B 31 30.64 15.93 -46.65
CA GLU B 31 30.62 15.61 -45.23
C GLU B 31 29.32 14.90 -44.85
N GLY B 32 29.35 14.15 -43.75
CA GLY B 32 28.18 13.43 -43.30
C GLY B 32 28.35 12.86 -41.90
N THR B 33 27.24 12.82 -41.16
CA THR B 33 27.22 12.22 -39.83
C THR B 33 26.32 10.99 -39.86
N ALA B 34 26.69 9.97 -39.11
CA ALA B 34 25.92 8.71 -39.11
C ALA B 34 25.44 8.32 -37.71
N ALA B 35 25.19 7.03 -37.53
CA ALA B 35 24.77 6.48 -36.25
C ALA B 35 25.06 4.98 -36.22
N ASP B 36 25.34 4.44 -35.05
CA ASP B 36 25.70 3.03 -34.93
C ASP B 36 24.68 2.22 -34.11
N TYR B 37 23.94 1.36 -34.81
CA TYR B 37 22.86 0.59 -34.20
C TYR B 37 23.34 -0.34 -33.10
N LYS B 38 24.24 -1.26 -33.44
CA LYS B 38 24.67 -2.30 -32.51
C LYS B 38 25.29 -1.78 -31.21
N SER B 39 25.87 -0.59 -31.25
CA SER B 39 26.42 0.03 -30.04
C SER B 39 25.30 0.73 -29.29
N THR B 40 24.49 1.50 -30.01
CA THR B 40 23.34 2.18 -29.44
C THR B 40 22.37 1.19 -28.81
N GLN B 41 22.06 0.13 -29.55
CA GLN B 41 21.06 -0.84 -29.12
C GLN B 41 21.48 -1.64 -27.89
N SER B 42 22.71 -2.13 -27.88
CA SER B 42 23.21 -2.93 -26.75
C SER B 42 23.20 -2.13 -25.44
N ALA B 43 23.53 -0.84 -25.53
CA ALA B 43 23.48 0.02 -24.35
C ALA B 43 22.03 0.35 -23.96
N ILE B 44 21.18 0.57 -24.97
CA ILE B 44 19.76 0.82 -24.75
C ILE B 44 19.08 -0.39 -24.12
N ASP B 45 19.38 -1.59 -24.64
CA ASP B 45 18.79 -2.82 -24.14
C ASP B 45 19.25 -3.16 -22.73
N GLN B 46 20.35 -2.54 -22.29
CA GLN B 46 20.84 -2.74 -20.93
C GLN B 46 20.16 -1.78 -19.93
N ILE B 47 20.00 -0.52 -20.33
CA ILE B 47 19.28 0.45 -19.52
C ILE B 47 17.82 0.04 -19.37
N THR B 48 17.22 -0.41 -20.49
CA THR B 48 15.86 -0.92 -20.48
C THR B 48 15.73 -2.09 -19.52
N GLY B 49 16.74 -2.95 -19.48
CA GLY B 49 16.77 -4.06 -18.57
C GLY B 49 16.78 -3.65 -17.10
N LYS B 50 17.25 -2.43 -16.82
CA LYS B 50 17.31 -1.93 -15.45
C LYS B 50 15.95 -1.48 -14.92
N LEU B 51 15.16 -0.83 -15.77
CA LEU B 51 13.84 -0.38 -15.37
C LEU B 51 12.89 -1.54 -15.13
N ASN B 52 13.02 -2.58 -15.96
CA ASN B 52 12.19 -3.78 -15.83
C ASN B 52 12.45 -4.51 -14.50
N ARG B 53 13.63 -4.26 -13.93
CA ARG B 53 13.99 -4.81 -12.64
C ARG B 53 13.40 -3.93 -11.54
N LEU B 54 13.49 -2.62 -11.74
CA LEU B 54 12.97 -1.63 -10.80
C LEU B 54 11.46 -1.74 -10.65
N ILE B 55 10.75 -1.66 -11.78
CA ILE B 55 9.31 -1.86 -11.80
C ILE B 55 9.00 -3.34 -11.53
N GLU B 56 8.39 -3.60 -10.38
CA GLU B 56 8.09 -4.98 -9.99
C GLU B 56 6.86 -5.01 -9.09
N LYS B 57 6.17 -6.15 -9.08
CA LYS B 57 4.92 -6.29 -8.35
C LYS B 57 5.09 -7.12 -7.09
N THR B 58 4.20 -6.91 -6.14
CA THR B 58 4.16 -7.69 -4.93
C THR B 58 2.75 -8.20 -4.69
N ASN B 59 2.61 -9.50 -4.44
CA ASN B 59 1.34 -10.04 -3.97
C ASN B 59 1.35 -9.97 -2.44
N GLN B 60 2.22 -9.10 -1.93
CA GLN B 60 2.38 -8.86 -0.50
C GLN B 60 1.44 -7.76 -0.01
N GLN B 61 0.28 -8.17 0.47
CA GLN B 61 -0.70 -7.23 0.98
C GLN B 61 -0.31 -6.80 2.40
N PHE B 62 -0.59 -5.55 2.73
CA PHE B 62 -0.44 -5.09 4.11
C PHE B 62 -1.76 -4.52 4.62
N GLU B 63 -2.05 -4.76 5.89
CA GLU B 63 -3.31 -4.31 6.49
C GLU B 63 -3.07 -3.11 7.39
N LEU B 64 -4.16 -2.63 8.00
CA LEU B 64 -4.10 -1.63 9.04
C LEU B 64 -3.62 -2.27 10.34
N ILE B 65 -2.85 -1.52 11.12
CA ILE B 65 -2.66 -1.84 12.54
C ILE B 65 -2.87 -0.58 13.36
N ASP B 66 -3.12 0.52 12.64
CA ASP B 66 -3.42 1.80 13.27
C ASP B 66 -4.89 2.18 13.03
N ASN B 67 -5.30 3.27 13.66
CA ASN B 67 -6.67 3.77 13.50
C ASN B 67 -6.68 5.30 13.54
N GLU B 68 -7.09 5.90 12.42
CA GLU B 68 -7.01 7.35 12.23
C GLU B 68 -8.23 8.07 12.81
N PHE B 69 -9.35 7.37 12.89
CA PHE B 69 -10.59 7.95 13.39
C PHE B 69 -10.67 7.77 14.90
N ASN B 70 -10.08 6.69 15.39
CA ASN B 70 -10.06 6.40 16.81
C ASN B 70 -8.70 5.87 17.27
N GLU B 71 -7.86 6.77 17.78
CA GLU B 71 -6.51 6.45 18.23
C GLU B 71 -6.45 5.22 19.14
N VAL B 72 -5.60 4.25 18.80
CA VAL B 72 -5.36 3.07 19.64
C VAL B 72 -4.71 3.48 20.96
N GLU B 73 -4.57 2.52 21.87
CA GLU B 73 -3.95 2.77 23.15
C GLU B 73 -2.50 3.20 22.98
N LYS B 74 -2.10 4.19 23.78
CA LYS B 74 -0.82 4.87 23.58
C LYS B 74 0.40 3.97 23.56
N GLN B 75 0.48 3.02 24.51
CA GLN B 75 1.64 2.13 24.57
C GLN B 75 1.83 1.37 23.26
N ILE B 76 0.81 0.64 22.84
CA ILE B 76 0.85 -0.03 21.54
C ILE B 76 0.96 0.97 20.40
N GLY B 77 0.37 2.17 20.60
CA GLY B 77 0.45 3.22 19.61
C GLY B 77 1.89 3.59 19.30
N ASN B 78 2.67 3.86 20.35
CA ASN B 78 4.07 4.23 20.17
C ASN B 78 4.97 3.10 19.67
N VAL B 79 4.72 1.88 20.13
CA VAL B 79 5.44 0.72 19.60
C VAL B 79 5.21 0.60 18.09
N ILE B 80 3.97 0.80 17.66
CA ILE B 80 3.63 0.77 16.23
C ILE B 80 4.33 1.88 15.46
N ASN B 81 4.22 3.12 15.95
CA ASN B 81 4.89 4.25 15.31
C ASN B 81 6.41 4.06 15.24
N TRP B 82 7.00 3.68 16.37
CA TRP B 82 8.42 3.39 16.46
C TRP B 82 8.86 2.37 15.42
N THR B 83 8.06 1.31 15.27
CA THR B 83 8.36 0.28 14.28
C THR B 83 8.23 0.81 12.86
N ARG B 84 7.12 1.50 12.57
CA ARG B 84 6.90 2.06 11.25
C ARG B 84 8.03 3.02 10.82
N ASP B 85 8.45 3.89 11.73
CA ASP B 85 9.55 4.81 11.43
C ASP B 85 10.87 4.07 11.21
N SER B 86 11.13 3.04 12.02
CA SER B 86 12.31 2.20 11.84
C SER B 86 12.37 1.59 10.42
N ILE B 87 11.23 1.06 9.96
CA ILE B 87 11.16 0.51 8.61
C ILE B 87 11.28 1.61 7.55
N THR B 88 10.69 2.77 7.82
CA THR B 88 10.76 3.91 6.91
C THR B 88 12.21 4.34 6.64
N GLU B 89 13.03 4.33 7.69
CA GLU B 89 14.45 4.67 7.57
C GLU B 89 15.20 3.66 6.71
N VAL B 90 14.86 2.39 6.89
CA VAL B 90 15.46 1.32 6.10
C VAL B 90 15.15 1.50 4.61
N TRP B 91 13.89 1.74 4.30
CA TRP B 91 13.48 1.89 2.90
C TRP B 91 13.98 3.16 2.25
N SER B 92 14.10 4.24 3.04
CA SER B 92 14.66 5.46 2.51
C SER B 92 16.15 5.28 2.21
N TYR B 93 16.83 4.54 3.09
CA TYR B 93 18.24 4.21 2.88
C TYR B 93 18.44 3.32 1.66
N ASN B 94 17.66 2.24 1.58
CA ASN B 94 17.70 1.34 0.44
C ASN B 94 17.49 2.07 -0.88
N ALA B 95 16.43 2.88 -0.95
CA ALA B 95 16.08 3.60 -2.16
C ALA B 95 17.20 4.54 -2.63
N GLU B 96 17.82 5.24 -1.68
CA GLU B 96 18.88 6.17 -2.00
C GLU B 96 20.13 5.46 -2.53
N LEU B 97 20.52 4.37 -1.89
CA LEU B 97 21.69 3.60 -2.28
C LEU B 97 21.49 2.93 -3.64
N LEU B 98 20.32 2.33 -3.82
CA LEU B 98 19.98 1.67 -5.08
C LEU B 98 20.16 2.61 -6.26
N VAL B 99 19.50 3.77 -6.21
CA VAL B 99 19.58 4.74 -7.29
C VAL B 99 21.02 5.20 -7.51
N ALA B 100 21.71 5.56 -6.42
CA ALA B 100 23.10 5.97 -6.51
C ALA B 100 23.99 4.90 -7.15
N MET B 101 23.80 3.66 -6.71
CA MET B 101 24.55 2.53 -7.24
C MET B 101 24.22 2.30 -8.71
N GLU B 102 22.92 2.28 -9.04
CA GLU B 102 22.49 2.05 -10.41
C GLU B 102 22.96 3.16 -11.35
N ASN B 103 22.83 4.42 -10.92
CA ASN B 103 23.27 5.56 -11.72
C ASN B 103 24.76 5.52 -12.01
N GLN B 104 25.55 5.18 -10.99
CA GLN B 104 26.99 5.02 -11.15
C GLN B 104 27.30 3.99 -12.24
N HIS B 105 26.59 2.86 -12.18
CA HIS B 105 26.84 1.79 -13.14
C HIS B 105 26.28 2.09 -14.52
N THR B 106 25.13 2.77 -14.56
CA THR B 106 24.50 3.17 -15.83
C THR B 106 25.45 4.04 -16.65
N ILE B 107 25.96 5.08 -16.00
CA ILE B 107 26.93 5.99 -16.62
C ILE B 107 28.17 5.25 -17.12
N ASP B 108 28.76 4.44 -16.25
CA ASP B 108 29.99 3.70 -16.52
C ASP B 108 29.82 2.69 -17.64
N LEU B 109 28.65 2.07 -17.74
CA LEU B 109 28.43 1.06 -18.77
C LEU B 109 28.18 1.73 -20.10
N ALA B 110 27.70 2.97 -20.05
CA ALA B 110 27.52 3.77 -21.25
C ALA B 110 28.88 4.21 -21.78
N ASP B 111 29.75 4.64 -20.88
CA ASP B 111 31.12 5.01 -21.21
C ASP B 111 31.90 3.77 -21.65
N SER B 112 31.49 2.61 -21.12
CA SER B 112 32.12 1.35 -21.48
C SER B 112 31.61 0.81 -22.81
N GLU B 113 30.63 1.49 -23.40
CA GLU B 113 30.14 1.11 -24.71
C GLU B 113 30.82 1.93 -25.79
N MET B 114 31.25 3.14 -25.41
CA MET B 114 32.02 3.98 -26.30
C MET B 114 33.37 3.34 -26.56
N ASP B 115 34.11 3.05 -25.49
CA ASP B 115 35.42 2.43 -25.57
C ASP B 115 35.36 1.06 -26.25
N LYS B 116 34.27 0.33 -26.03
CA LYS B 116 34.08 -0.98 -26.66
C LYS B 116 33.88 -0.86 -28.17
N LEU B 117 33.18 0.20 -28.59
CA LEU B 117 32.99 0.47 -30.01
C LEU B 117 34.32 0.88 -30.64
N TYR B 118 34.91 1.93 -30.08
CA TYR B 118 36.18 2.49 -30.50
C TYR B 118 37.23 1.44 -30.84
N GLU B 119 37.70 0.74 -29.81
CA GLU B 119 38.81 -0.21 -29.94
C GLU B 119 38.60 -1.29 -30.99
N ARG B 120 37.35 -1.61 -31.32
CA ARG B 120 37.07 -2.63 -32.31
C ARG B 120 37.24 -2.09 -33.72
N VAL B 121 36.83 -0.83 -33.91
CA VAL B 121 37.05 -0.13 -35.19
C VAL B 121 38.53 0.11 -35.41
N LYS B 122 39.23 0.43 -34.33
CA LYS B 122 40.68 0.59 -34.35
C LYS B 122 41.36 -0.71 -34.79
N ARG B 123 40.74 -1.83 -34.46
CA ARG B 123 41.25 -3.15 -34.83
C ARG B 123 40.99 -3.49 -36.29
N GLN B 124 39.88 -2.98 -36.83
CA GLN B 124 39.53 -3.20 -38.23
C GLN B 124 40.59 -2.57 -39.13
N LEU B 125 41.04 -1.38 -38.75
CA LEU B 125 41.89 -0.58 -39.61
C LEU B 125 43.37 -1.01 -39.60
N ARG B 126 43.73 -1.90 -38.69
CA ARG B 126 45.09 -2.43 -38.59
C ARG B 126 46.15 -1.32 -38.54
N GLU B 127 47.20 -1.46 -39.33
CA GLU B 127 48.27 -0.47 -39.38
C GLU B 127 48.02 0.53 -40.52
N ASN B 128 46.87 0.41 -41.17
CA ASN B 128 46.53 1.28 -42.29
C ASN B 128 46.13 2.69 -41.86
N ALA B 129 46.12 2.90 -40.54
CA ALA B 129 45.83 4.22 -39.96
C ALA B 129 46.30 4.24 -38.51
N GLU B 130 46.34 5.42 -37.91
CA GLU B 130 46.85 5.57 -36.54
C GLU B 130 45.92 6.42 -35.67
N GLU B 131 45.95 6.18 -34.36
CA GLU B 131 45.13 6.91 -33.41
C GLU B 131 45.55 8.37 -33.28
N ASP B 132 44.63 9.28 -33.56
CA ASP B 132 44.90 10.69 -33.36
C ASP B 132 45.08 10.98 -31.87
N GLY B 133 44.31 10.26 -31.04
CA GLY B 133 44.41 10.38 -29.61
C GLY B 133 43.21 11.03 -28.94
N THR B 134 42.39 11.70 -29.74
CA THR B 134 41.22 12.41 -29.20
C THR B 134 39.92 11.86 -29.78
N GLY B 135 39.87 10.54 -29.98
CA GLY B 135 38.68 9.89 -30.47
C GLY B 135 38.64 9.81 -31.98
N CYS B 136 39.64 10.42 -32.63
CA CYS B 136 39.71 10.42 -34.08
C CYS B 136 40.78 9.48 -34.60
N PHE B 137 40.65 9.07 -35.86
CA PHE B 137 41.64 8.22 -36.49
C PHE B 137 42.22 8.90 -37.73
N GLU B 138 43.54 9.11 -37.73
CA GLU B 138 44.22 9.69 -38.88
C GLU B 138 44.59 8.62 -39.90
N ILE B 139 43.93 8.67 -41.06
CA ILE B 139 44.21 7.72 -42.12
C ILE B 139 45.25 8.28 -43.08
N PHE B 140 46.08 7.40 -43.64
CA PHE B 140 47.09 7.80 -44.60
C PHE B 140 46.81 7.11 -45.93
N HIS B 141 45.53 6.86 -46.16
CA HIS B 141 45.00 6.45 -47.44
C HIS B 141 43.57 6.97 -47.51
N LYS B 142 43.27 7.79 -48.50
CA LYS B 142 41.99 8.49 -48.57
C LYS B 142 40.83 7.53 -48.80
N CYS B 143 39.89 7.50 -47.86
CA CYS B 143 38.73 6.61 -47.95
C CYS B 143 37.49 7.38 -48.40
N ASP B 144 36.66 6.74 -49.21
CA ASP B 144 35.49 7.41 -49.78
C ASP B 144 34.17 6.99 -49.15
N ASP B 145 33.08 7.65 -49.55
CA ASP B 145 31.75 7.40 -48.99
C ASP B 145 31.23 6.00 -49.29
N ASP B 146 31.85 5.32 -50.24
CA ASP B 146 31.55 3.92 -50.52
C ASP B 146 32.43 3.06 -49.63
N CYS B 147 33.62 3.55 -49.34
CA CYS B 147 34.58 2.88 -48.48
C CYS B 147 34.28 3.14 -47.00
N MET B 148 33.82 4.36 -46.69
CA MET B 148 33.44 4.72 -45.33
C MET B 148 32.28 3.86 -44.85
N ALA B 149 31.31 3.64 -45.73
CA ALA B 149 30.14 2.82 -45.42
C ALA B 149 30.53 1.35 -45.27
N SER B 150 31.76 1.02 -45.64
CA SER B 150 32.26 -0.34 -45.51
C SER B 150 32.97 -0.54 -44.17
N ILE B 151 33.27 0.57 -43.50
CA ILE B 151 33.85 0.51 -42.16
C ILE B 151 32.72 0.56 -41.14
N ARG B 152 31.66 1.29 -41.49
CA ARG B 152 30.48 1.39 -40.62
C ARG B 152 29.80 0.03 -40.44
N ASN B 153 29.75 -0.77 -41.49
CA ASN B 153 29.10 -2.08 -41.40
C ASN B 153 30.08 -3.24 -41.25
N ASN B 154 31.28 -2.93 -40.76
CA ASN B 154 32.30 -3.93 -40.46
C ASN B 154 32.62 -4.84 -41.65
N THR B 155 32.99 -4.24 -42.77
CA THR B 155 33.30 -5.00 -43.98
C THR B 155 34.60 -4.53 -44.65
N TYR B 156 35.17 -3.45 -44.12
CA TYR B 156 36.44 -2.90 -44.61
C TYR B 156 37.53 -3.97 -44.58
N ASP B 157 38.33 -4.05 -45.65
CA ASP B 157 39.41 -5.03 -45.71
C ASP B 157 40.66 -4.52 -45.01
N HIS B 158 41.13 -5.29 -44.04
CA HIS B 158 42.20 -4.90 -43.14
C HIS B 158 43.57 -5.12 -43.77
N SER B 159 43.60 -5.25 -45.09
CA SER B 159 44.84 -5.52 -45.83
C SER B 159 44.79 -5.00 -47.26
N LYS B 160 43.65 -5.19 -47.93
CA LYS B 160 43.53 -4.79 -49.34
C LYS B 160 43.36 -3.29 -49.53
N TYR B 161 44.18 -2.52 -48.83
CA TYR B 161 44.30 -1.06 -48.98
C TYR B 161 45.46 -0.62 -48.09
N ARG B 162 46.21 -1.61 -47.61
CA ARG B 162 47.23 -1.38 -46.59
C ARG B 162 48.55 -0.86 -47.16
N GLU B 163 49.15 -1.62 -48.07
CA GLU B 163 50.49 -1.33 -48.60
C GLU B 163 50.64 0.11 -49.05
N GLU B 164 49.55 0.67 -49.58
CA GLU B 164 49.52 2.07 -49.99
C GLU B 164 49.74 3.03 -48.81
N ALA B 165 49.00 2.79 -47.73
CA ALA B 165 49.06 3.65 -46.55
C ALA B 165 50.34 3.41 -45.75
N MET B 166 51.02 2.30 -46.03
CA MET B 166 52.24 1.93 -45.32
C MET B 166 53.39 2.90 -45.57
N GLN B 167 53.59 3.27 -46.83
CA GLN B 167 54.67 4.19 -47.20
C GLN B 167 54.44 5.56 -46.57
N ASN B 168 53.16 5.89 -46.36
CA ASN B 168 52.79 7.20 -45.85
C ASN B 168 52.66 7.22 -44.33
C1 NAG C . -39.73 13.70 33.59
C2 NAG C . -38.64 13.02 34.42
C3 NAG C . -37.62 12.21 33.61
C4 NAG C . -38.24 11.50 32.40
C5 NAG C . -39.16 12.42 31.61
C6 NAG C . -39.79 11.58 30.49
C7 NAG C . -38.34 14.45 36.35
C8 NAG C . -37.49 15.50 37.05
N2 NAG C . -37.93 14.09 35.12
O1 NAG C . -40.83 13.98 34.46
O3 NAG C . -36.95 11.27 34.47
O4 NAG C . -37.21 11.06 31.52
O5 NAG C . -40.18 12.93 32.45
O6 NAG C . -40.35 10.42 31.10
O7 NAG C . -39.36 13.95 36.92
C1 GAL C . -36.76 9.72 31.43
C2 GAL C . -36.55 8.83 30.19
C3 GAL C . -35.80 7.51 30.45
C4 GAL C . -34.70 7.68 31.50
C5 GAL C . -35.25 8.44 32.70
C6 GAL C . -34.24 8.54 33.83
O2 GAL C . -37.81 8.54 29.62
O3 GAL C . -35.26 7.07 29.21
O4 GAL C . -33.57 8.34 30.95
O5 GAL C . -35.63 9.73 32.27
O6 GAL C . -34.85 9.20 34.92
C1 SIA C . -34.60 5.58 27.31
C2 SIA C . -35.29 5.75 28.64
C3 SIA C . -36.72 5.24 28.54
C4 SIA C . -36.74 3.74 28.25
C5 SIA C . -35.83 2.98 29.21
C6 SIA C . -34.45 3.64 29.27
C7 SIA C . -33.57 2.93 30.29
C8 SIA C . -32.19 3.59 30.36
C9 SIA C . -31.23 2.75 31.19
C10 SIA C . -35.65 0.61 29.67
C11 SIA C . -35.74 -0.77 29.10
N5 SIA C . -35.71 1.60 28.79
O1A SIA C . -35.15 6.05 26.29
O1B SIA C . -33.50 4.98 27.28
O4 SIA C . -38.08 3.25 28.39
O6 SIA C . -34.58 5.01 29.63
O7 SIA C . -34.19 2.96 31.58
O8 SIA C . -31.66 3.75 29.04
O9 SIA C . -30.35 3.62 31.92
O10 SIA C . -35.52 0.82 30.87
C1 NAG D . 13.39 9.61 -20.92
C2 NAG D . 13.19 9.15 -22.36
C3 NAG D . 11.87 8.39 -22.46
C4 NAG D . 12.01 7.14 -21.62
C5 NAG D . 12.38 7.50 -20.18
C6 NAG D . 12.88 6.24 -19.46
C7 NAG D . 13.92 10.11 -24.46
C8 NAG D . 14.95 11.16 -24.75
N2 NAG D . 13.23 10.25 -23.31
O3 NAG D . 11.61 8.04 -23.80
O4 NAG D . 10.80 6.40 -21.63
O5 NAG D . 13.40 8.49 -20.05
O6 NAG D . 13.90 5.63 -20.21
O7 NAG D . 13.73 9.19 -25.24
C1 NAG E . -18.13 -31.80 15.71
C2 NAG E . -17.29 -32.52 14.65
C3 NAG E . -18.10 -33.48 13.78
C4 NAG E . -19.08 -34.28 14.60
C5 NAG E . -19.92 -33.35 15.47
C6 NAG E . -20.96 -34.11 16.28
C7 NAG E . -15.31 -31.35 13.80
C8 NAG E . -14.81 -29.94 13.69
N2 NAG E . -16.63 -31.52 13.81
O3 NAG E . -17.22 -34.36 13.12
O4 NAG E . -19.94 -35.01 13.75
O5 NAG E . -19.05 -32.67 16.36
O6 NAG E . -21.87 -34.74 15.40
O7 NAG E . -14.51 -32.29 13.88
C1 NAG F . 1.58 7.69 15.65
C2 NAG F . 1.02 8.51 16.82
C3 NAG F . -0.02 9.53 16.39
C4 NAG F . 0.40 10.26 15.12
C5 NAG F . 0.78 9.24 14.05
C6 NAG F . 1.15 9.89 12.72
C7 NAG F . 0.66 7.73 19.11
C8 NAG F . -0.14 6.83 20.01
N2 NAG F . 0.43 7.61 17.80
O3 NAG F . -0.22 10.45 17.43
O4 NAG F . -0.65 11.09 14.64
O5 NAG F . 1.87 8.47 14.51
O6 NAG F . 1.65 8.90 11.86
O7 NAG F . 1.46 8.52 19.60
#